data_4GPS
#
_entry.id   4GPS
#
_cell.length_a   82.820
_cell.length_b   82.820
_cell.length_c   259.850
_cell.angle_alpha   90.00
_cell.angle_beta   90.00
_cell.angle_gamma   120.00
#
_symmetry.space_group_name_H-M   'P 61 2 2'
#
loop_
_entity.id
_entity.type
_entity.pdbx_description
1 polymer KLLA0E02245p
2 non-polymer 'CITRIC ACID'
3 water water
#
_entity_poly.entity_id   1
_entity_poly.type   'polypeptide(L)'
_entity_poly.pdbx_seq_one_letter_code
;MGSSHHHHHHSSGLVPRGSHMTTVSCDKDENKVDQLGESLSQLRISTRKNNKPSQKKGSLVLSCKKFPHVSVNYVVDKTP
KLLTDCKEVHNCSYIINDATLLWNEASRKPRLRPEVCTYIKDSKWENKAVKDSFIGIDLTKGYDDYVPLDRNVLNSLVIL
KEAYQRYEKTLNPEKTTFVSLRHHIIDIIMCPFLDEPLSLLMTVQPDKNILISVDKSKDKPNGIHETRNSFNKKICYTGF
ALEDLLIESPTEGHILEHELYYSIVHGSLNDEIDLLIQAEMDSINTLTDTYTEIKSSVHFKLGNTYHRRKLLRMWIQTNL
LPKSDLLIGFRNSYSNELEQLKAYKIQDIYHKINNSSIVGKPGKFYKFNPNVANDWFQHIFQVLKQNLLLLSQESTSTTF
KVQIDTNLTLSISPASQFVTALG
;
_entity_poly.pdbx_strand_id   A
#
loop_
_chem_comp.id
_chem_comp.type
_chem_comp.name
_chem_comp.formula
CIT non-polymer 'CITRIC ACID' 'C6 H8 O7'
#
# COMPACT_ATOMS: atom_id res chain seq x y z
N GLY A 58 19.95 -1.66 25.26
CA GLY A 58 19.70 -2.49 24.02
C GLY A 58 18.26 -2.40 23.51
N SER A 59 17.30 -2.36 24.43
CA SER A 59 15.87 -2.28 24.12
C SER A 59 15.27 -0.90 24.36
N LEU A 60 13.99 -0.77 24.02
CA LEU A 60 13.29 0.49 24.18
C LEU A 60 11.78 0.32 24.18
N VAL A 61 11.11 0.90 25.19
CA VAL A 61 9.66 0.87 25.21
C VAL A 61 9.29 2.36 25.22
N LEU A 62 8.41 2.75 24.29
CA LEU A 62 8.05 4.15 24.12
C LEU A 62 6.60 4.29 23.71
N SER A 63 5.84 5.05 24.48
CA SER A 63 4.45 5.28 24.13
C SER A 63 4.43 6.32 23.00
N CYS A 64 3.57 6.11 22.01
CA CYS A 64 3.46 7.03 20.88
C CYS A 64 2.02 7.44 20.74
N LYS A 65 1.20 7.11 21.74
CA LYS A 65 -0.23 7.43 21.71
C LYS A 65 -0.57 8.92 21.71
N LYS A 66 0.35 9.73 22.18
CA LYS A 66 0.08 11.15 22.21
C LYS A 66 0.77 11.87 21.07
N PHE A 67 0.87 11.19 19.94
CA PHE A 67 1.50 11.74 18.75
C PHE A 67 0.70 12.95 18.28
N PRO A 68 1.41 14.01 17.88
CA PRO A 68 0.76 15.24 17.40
C PRO A 68 -0.15 14.99 16.19
N HIS A 69 -1.42 15.35 16.31
CA HIS A 69 -2.33 15.15 15.21
C HIS A 69 -3.52 16.07 15.16
N VAL A 70 -3.89 16.38 13.92
CA VAL A 70 -5.01 17.23 13.59
C VAL A 70 -6.32 16.64 14.17
N SER A 71 -7.31 17.50 14.37
CA SER A 71 -8.56 17.04 14.92
C SER A 71 -9.13 15.85 14.12
N VAL A 72 -9.71 14.92 14.86
CA VAL A 72 -10.32 13.74 14.30
C VAL A 72 -11.46 14.09 13.33
N ASN A 73 -11.95 15.33 13.44
CA ASN A 73 -13.04 15.81 12.58
C ASN A 73 -12.59 16.78 11.50
N TYR A 74 -11.28 16.97 11.44
CA TYR A 74 -10.67 17.85 10.48
C TYR A 74 -11.02 17.51 9.03
N VAL A 75 -11.45 18.51 8.28
CA VAL A 75 -11.81 18.31 6.87
C VAL A 75 -11.10 19.34 6.00
N VAL A 76 -10.48 18.88 4.93
CA VAL A 76 -9.80 19.75 3.95
C VAL A 76 -10.16 19.09 2.62
N ASP A 77 -10.56 19.91 1.66
CA ASP A 77 -11.00 19.44 0.34
C ASP A 77 -10.01 18.67 -0.51
N LYS A 78 -8.78 19.18 -0.60
CA LYS A 78 -7.76 18.52 -1.40
C LYS A 78 -7.05 17.45 -0.55
N THR A 79 -6.81 16.30 -1.15
CA THR A 79 -6.14 15.23 -0.45
C THR A 79 -4.67 15.60 -0.16
N PRO A 80 -4.16 15.28 1.03
CA PRO A 80 -2.77 15.60 1.33
C PRO A 80 -1.89 14.55 0.63
N LYS A 81 -0.60 14.80 0.54
CA LYS A 81 0.28 13.80 -0.08
C LYS A 81 1.12 13.19 1.05
N LEU A 82 1.31 11.87 1.05
CA LEU A 82 2.10 11.25 2.10
C LEU A 82 3.58 11.49 1.85
N LEU A 83 3.97 11.42 0.59
CA LEU A 83 5.38 11.63 0.20
C LEU A 83 5.50 12.80 -0.73
N THR A 84 6.65 13.46 -0.74
CA THR A 84 6.86 14.59 -1.65
C THR A 84 7.94 14.19 -2.67
N ASP A 85 7.81 14.66 -3.90
CA ASP A 85 8.78 14.34 -4.98
C ASP A 85 8.77 12.85 -5.20
N CYS A 86 7.62 12.25 -5.11
CA CYS A 86 7.56 10.82 -5.29
C CYS A 86 7.69 10.42 -6.75
N LYS A 87 8.59 9.48 -7.07
CA LYS A 87 8.71 9.05 -8.45
C LYS A 87 9.05 7.58 -8.63
N GLU A 88 8.69 7.03 -9.79
CA GLU A 88 9.03 5.65 -10.06
C GLU A 88 10.48 5.69 -10.53
N VAL A 89 11.37 4.94 -9.88
CA VAL A 89 12.77 4.94 -10.27
C VAL A 89 13.16 3.66 -11.06
N HIS A 90 12.41 2.58 -10.90
CA HIS A 90 12.66 1.33 -11.64
C HIS A 90 11.35 0.56 -11.63
N ASN A 91 11.24 -0.42 -12.52
CA ASN A 91 10.10 -1.30 -12.52
C ASN A 91 10.63 -2.62 -13.04
N CYS A 92 9.92 -3.71 -12.79
CA CYS A 92 10.37 -4.99 -13.28
C CYS A 92 9.29 -6.04 -13.23
N SER A 93 9.35 -6.96 -14.18
CA SER A 93 8.39 -8.04 -14.21
C SER A 93 9.18 -9.28 -13.80
N TYR A 94 8.56 -10.08 -12.94
CA TYR A 94 9.19 -11.25 -12.44
C TYR A 94 8.45 -12.47 -13.00
N ILE A 95 9.10 -13.19 -13.91
CA ILE A 95 8.50 -14.40 -14.52
C ILE A 95 8.86 -15.52 -13.55
N ILE A 96 7.90 -15.99 -12.76
CA ILE A 96 8.21 -17.01 -11.76
C ILE A 96 8.89 -18.31 -12.18
N ASN A 97 8.54 -18.85 -13.34
CA ASN A 97 9.15 -20.11 -13.78
C ASN A 97 10.54 -19.99 -14.38
N ASP A 98 10.90 -18.77 -14.77
CA ASP A 98 12.22 -18.54 -15.35
C ASP A 98 13.17 -18.00 -14.30
N ALA A 99 12.65 -17.75 -13.09
CA ALA A 99 13.44 -17.19 -11.98
C ALA A 99 14.21 -16.02 -12.57
N THR A 100 13.46 -15.20 -13.31
CA THR A 100 13.99 -14.05 -14.02
C THR A 100 13.29 -12.74 -13.73
N LEU A 101 14.06 -11.68 -13.59
CA LEU A 101 13.50 -10.36 -13.39
C LEU A 101 13.86 -9.59 -14.65
N LEU A 102 12.89 -8.99 -15.32
CA LEU A 102 13.18 -8.18 -16.49
C LEU A 102 13.00 -6.74 -16.01
N TRP A 103 14.07 -5.96 -16.07
CA TRP A 103 13.99 -4.59 -15.61
C TRP A 103 13.63 -3.55 -16.65
N ASN A 104 12.89 -2.54 -16.16
CA ASN A 104 12.51 -1.38 -16.93
C ASN A 104 12.07 -1.58 -18.39
N GLU A 105 12.85 -1.09 -19.35
CA GLU A 105 12.48 -1.22 -20.77
C GLU A 105 12.30 -2.68 -21.19
N ALA A 106 12.78 -3.60 -20.37
CA ALA A 106 12.65 -5.02 -20.67
C ALA A 106 11.43 -5.65 -20.01
N SER A 107 10.82 -4.97 -19.03
CA SER A 107 9.66 -5.54 -18.34
C SER A 107 8.38 -5.51 -19.19
N ARG A 108 7.47 -6.42 -18.85
CA ARG A 108 6.18 -6.52 -19.54
C ARG A 108 5.14 -5.97 -18.58
N LYS A 109 4.48 -4.89 -18.98
CA LYS A 109 3.48 -4.25 -18.14
C LYS A 109 2.12 -4.91 -18.36
N PRO A 110 1.47 -5.37 -17.29
CA PRO A 110 0.16 -6.01 -17.45
C PRO A 110 -0.82 -4.93 -17.99
N ARG A 111 -1.49 -5.25 -19.09
CA ARG A 111 -2.41 -4.29 -19.67
C ARG A 111 -3.83 -4.48 -19.18
N LEU A 112 -4.45 -3.39 -18.78
CA LEU A 112 -5.85 -3.42 -18.38
C LEU A 112 -6.55 -3.57 -19.72
N ARG A 113 -7.52 -4.48 -19.80
CA ARG A 113 -8.25 -4.71 -21.05
C ARG A 113 -8.74 -3.44 -21.72
N PRO A 114 -8.63 -3.35 -23.04
CA PRO A 114 -9.09 -2.13 -23.74
C PRO A 114 -10.59 -1.80 -23.59
N GLU A 115 -11.45 -2.82 -23.58
CA GLU A 115 -12.88 -2.59 -23.41
C GLU A 115 -13.09 -1.91 -22.06
N VAL A 116 -12.28 -2.32 -21.07
CA VAL A 116 -12.34 -1.75 -19.74
C VAL A 116 -11.77 -0.30 -19.72
N CYS A 117 -10.66 -0.04 -20.43
CA CYS A 117 -10.10 1.32 -20.44
C CYS A 117 -11.10 2.25 -21.10
N THR A 118 -11.72 1.74 -22.16
CA THR A 118 -12.74 2.50 -22.89
C THR A 118 -13.97 2.74 -21.98
N TYR A 119 -14.39 1.72 -21.25
CA TYR A 119 -15.49 1.90 -20.34
C TYR A 119 -15.15 2.99 -19.33
N ILE A 120 -13.93 3.00 -18.83
CA ILE A 120 -13.54 4.00 -17.85
C ILE A 120 -13.53 5.40 -18.43
N LYS A 121 -13.04 5.53 -19.66
CA LYS A 121 -12.97 6.82 -20.35
C LYS A 121 -14.31 7.42 -20.74
N ASP A 122 -15.23 6.60 -21.21
CA ASP A 122 -16.52 7.09 -21.66
C ASP A 122 -17.60 6.99 -20.60
N SER A 123 -17.32 6.26 -19.54
CA SER A 123 -18.29 6.02 -18.49
C SER A 123 -19.47 5.18 -19.07
N LYS A 124 -19.20 4.45 -20.14
CA LYS A 124 -20.20 3.60 -20.78
C LYS A 124 -19.58 2.48 -21.61
N TRP A 125 -20.27 1.36 -21.69
CA TRP A 125 -19.78 0.23 -22.47
C TRP A 125 -19.98 0.45 -23.97
N GLU A 126 -19.07 -0.08 -24.80
CA GLU A 126 -19.19 0.04 -26.26
C GLU A 126 -20.57 -0.47 -26.71
N ASN A 127 -20.93 -1.65 -26.22
CA ASN A 127 -22.21 -2.30 -26.53
C ASN A 127 -22.56 -3.44 -25.56
N LYS A 128 -23.73 -4.04 -25.74
CA LYS A 128 -24.19 -5.14 -24.90
C LYS A 128 -23.26 -6.33 -24.86
N ALA A 129 -22.73 -6.71 -26.02
CA ALA A 129 -21.82 -7.84 -26.11
C ALA A 129 -20.61 -7.65 -25.19
N VAL A 130 -19.99 -6.48 -25.25
CA VAL A 130 -18.83 -6.19 -24.42
C VAL A 130 -19.23 -6.10 -22.94
N LYS A 131 -20.32 -5.40 -22.64
CA LYS A 131 -20.78 -5.28 -21.27
C LYS A 131 -21.12 -6.61 -20.64
N ASP A 132 -21.67 -7.53 -21.44
CA ASP A 132 -22.04 -8.82 -20.88
C ASP A 132 -20.85 -9.74 -20.66
N SER A 133 -19.66 -9.28 -21.08
CA SER A 133 -18.40 -10.02 -20.88
C SER A 133 -17.77 -9.66 -19.53
N PHE A 134 -18.38 -8.71 -18.82
CA PHE A 134 -17.90 -8.27 -17.53
C PHE A 134 -19.03 -8.22 -16.50
N ILE A 135 -20.02 -7.39 -16.78
CA ILE A 135 -21.14 -7.26 -15.86
C ILE A 135 -22.07 -8.49 -15.88
N GLY A 136 -22.17 -9.17 -14.75
CA GLY A 136 -23.03 -10.34 -14.66
C GLY A 136 -22.26 -11.62 -14.48
N ILE A 137 -20.95 -11.54 -14.65
CA ILE A 137 -20.09 -12.68 -14.53
C ILE A 137 -19.88 -13.04 -13.07
N ASP A 138 -20.00 -14.32 -12.79
CA ASP A 138 -19.85 -14.83 -11.44
C ASP A 138 -18.36 -14.90 -11.12
N LEU A 139 -17.89 -14.01 -10.23
CA LEU A 139 -16.49 -13.96 -9.83
C LEU A 139 -16.14 -15.15 -8.94
N THR A 140 -17.08 -16.06 -8.79
CA THR A 140 -16.87 -17.20 -7.92
C THR A 140 -16.78 -18.50 -8.72
N LYS A 141 -17.04 -18.40 -10.03
CA LYS A 141 -16.97 -19.55 -10.91
C LYS A 141 -15.55 -20.11 -10.91
N GLY A 142 -15.42 -21.43 -10.81
CA GLY A 142 -14.09 -22.03 -10.79
C GLY A 142 -13.34 -21.87 -9.48
N TYR A 143 -14.06 -21.65 -8.37
CA TYR A 143 -13.43 -21.50 -7.07
C TYR A 143 -13.04 -22.86 -6.50
N ASP A 144 -13.81 -23.89 -6.84
CA ASP A 144 -13.51 -25.23 -6.37
C ASP A 144 -12.26 -25.77 -7.11
N ASP A 145 -11.17 -25.00 -6.99
CA ASP A 145 -9.87 -25.32 -7.60
C ASP A 145 -8.75 -24.68 -6.78
N ASN A 155 10.08 -14.99 -3.98
CA ASN A 155 10.20 -14.28 -2.70
C ASN A 155 10.44 -12.77 -2.91
N SER A 156 9.49 -11.97 -2.42
CA SER A 156 9.52 -10.52 -2.59
C SER A 156 10.69 -9.74 -1.99
N LEU A 157 11.23 -10.19 -0.86
CA LEU A 157 12.36 -9.49 -0.29
C LEU A 157 13.59 -9.56 -1.25
N VAL A 158 13.70 -10.63 -2.03
CA VAL A 158 14.82 -10.77 -2.97
C VAL A 158 14.85 -9.66 -4.03
N ILE A 159 13.67 -9.32 -4.56
CA ILE A 159 13.57 -8.28 -5.57
C ILE A 159 13.85 -6.87 -4.99
N LEU A 160 13.40 -6.61 -3.77
CA LEU A 160 13.60 -5.33 -3.09
C LEU A 160 15.09 -5.11 -2.98
N LYS A 161 15.82 -6.16 -2.60
CA LYS A 161 17.25 -6.03 -2.45
C LYS A 161 17.98 -5.81 -3.78
N GLU A 162 17.44 -6.30 -4.89
CA GLU A 162 18.09 -6.05 -6.18
C GLU A 162 17.76 -4.58 -6.55
N ALA A 163 16.53 -4.16 -6.27
CA ALA A 163 16.11 -2.81 -6.56
C ALA A 163 16.98 -1.84 -5.74
N TYR A 164 17.30 -2.19 -4.49
CA TYR A 164 18.12 -1.33 -3.65
C TYR A 164 19.52 -1.21 -4.22
N GLN A 165 20.08 -2.35 -4.61
CA GLN A 165 21.42 -2.35 -5.19
C GLN A 165 21.47 -1.50 -6.45
N ARG A 166 20.41 -1.51 -7.26
CA ARG A 166 20.39 -0.74 -8.49
C ARG A 166 20.21 0.74 -8.30
N TYR A 167 19.60 1.12 -7.18
CA TYR A 167 19.32 2.52 -6.91
C TYR A 167 20.16 3.15 -5.82
N GLU A 168 20.98 2.36 -5.14
CA GLU A 168 21.73 2.89 -4.01
C GLU A 168 22.59 4.10 -4.28
N LYS A 169 23.28 4.10 -5.40
CA LYS A 169 24.12 5.20 -5.79
C LYS A 169 23.32 6.49 -5.88
N THR A 170 22.02 6.37 -6.12
CA THR A 170 21.16 7.52 -6.29
C THR A 170 20.46 7.97 -5.00
N LEU A 171 20.67 7.26 -3.89
CA LEU A 171 20.01 7.67 -2.67
C LEU A 171 20.60 8.99 -2.17
N ASN A 172 19.87 9.69 -1.34
CA ASN A 172 20.35 10.95 -0.77
C ASN A 172 21.15 10.61 0.49
N PRO A 173 22.49 10.72 0.42
CA PRO A 173 23.41 10.40 1.53
C PRO A 173 23.21 11.26 2.78
N GLU A 174 22.43 12.31 2.65
CA GLU A 174 22.17 13.23 3.74
C GLU A 174 20.90 12.88 4.54
N LYS A 175 20.22 11.80 4.15
CA LYS A 175 19.00 11.37 4.82
C LYS A 175 19.03 9.89 5.13
N THR A 176 18.14 9.44 6.02
CA THR A 176 18.03 8.00 6.30
C THR A 176 16.92 7.52 5.34
N THR A 177 17.16 6.45 4.60
CA THR A 177 16.13 5.95 3.70
C THR A 177 15.57 4.65 4.26
N PHE A 178 14.25 4.51 4.39
CA PHE A 178 13.69 3.20 4.82
C PHE A 178 13.39 2.51 3.50
N VAL A 179 13.80 1.24 3.40
CA VAL A 179 13.63 0.40 2.20
C VAL A 179 12.59 -0.67 2.53
N SER A 180 11.52 -0.76 1.76
CA SER A 180 10.50 -1.72 2.14
C SER A 180 9.45 -2.06 1.08
N LEU A 181 8.75 -3.19 1.25
CA LEU A 181 7.64 -3.50 0.35
C LEU A 181 6.53 -2.54 0.82
N ARG A 182 5.68 -2.08 -0.10
CA ARG A 182 4.62 -1.16 0.26
C ARG A 182 3.70 -1.67 1.39
N HIS A 183 3.39 -2.96 1.38
CA HIS A 183 2.56 -3.58 2.39
C HIS A 183 2.94 -3.19 3.82
N HIS A 184 4.24 -3.18 4.13
CA HIS A 184 4.66 -2.84 5.49
C HIS A 184 4.56 -1.36 5.82
N ILE A 185 4.67 -0.50 4.81
CA ILE A 185 4.55 0.91 5.08
C ILE A 185 3.05 1.10 5.38
N ILE A 186 2.20 0.53 4.55
CA ILE A 186 0.79 0.64 4.83
C ILE A 186 0.50 0.11 6.27
N ASP A 187 1.03 -1.06 6.65
CA ASP A 187 0.75 -1.60 7.98
C ASP A 187 1.12 -0.61 9.09
N ILE A 188 2.29 0.01 8.96
CA ILE A 188 2.74 0.93 9.97
C ILE A 188 1.84 2.16 10.05
N ILE A 189 1.37 2.69 8.91
CA ILE A 189 0.52 3.86 8.94
C ILE A 189 -0.85 3.48 9.53
N MET A 190 -1.26 2.23 9.33
CA MET A 190 -2.56 1.77 9.79
C MET A 190 -2.71 1.47 11.29
N CYS A 191 -1.61 1.43 12.04
CA CYS A 191 -1.68 1.11 13.48
C CYS A 191 -2.80 1.80 14.26
N PRO A 192 -2.91 3.12 14.17
CA PRO A 192 -4.01 3.73 14.95
C PRO A 192 -5.42 3.45 14.48
N PHE A 193 -5.55 2.77 13.35
CA PHE A 193 -6.89 2.50 12.88
C PHE A 193 -7.29 1.03 13.01
N LEU A 194 -6.43 0.24 13.63
CA LEU A 194 -6.67 -1.19 13.82
C LEU A 194 -6.81 -1.65 15.27
N ASP A 195 -7.40 -2.83 15.43
CA ASP A 195 -7.62 -3.45 16.71
C ASP A 195 -6.64 -4.59 16.93
N GLU A 196 -5.66 -4.73 16.05
CA GLU A 196 -4.64 -5.78 16.16
C GLU A 196 -3.30 -5.03 16.23
N PRO A 197 -2.27 -5.66 16.80
CA PRO A 197 -0.96 -4.98 16.87
C PRO A 197 -0.16 -5.20 15.59
N LEU A 198 1.03 -4.59 15.54
CA LEU A 198 1.94 -4.70 14.42
C LEU A 198 3.27 -5.25 14.94
N SER A 199 3.88 -6.14 14.16
CA SER A 199 5.15 -6.72 14.52
C SER A 199 5.97 -6.82 13.23
N LEU A 200 7.17 -6.25 13.23
CA LEU A 200 7.98 -6.28 12.03
C LEU A 200 9.45 -6.36 12.42
N LEU A 201 10.32 -6.49 11.41
CA LEU A 201 11.77 -6.52 11.59
C LEU A 201 12.33 -5.34 10.83
N MET A 202 13.26 -4.64 11.45
CA MET A 202 13.85 -3.48 10.81
C MET A 202 15.31 -3.58 11.04
N THR A 203 16.05 -3.66 9.94
CA THR A 203 17.49 -3.80 9.97
C THR A 203 18.24 -2.52 9.62
N VAL A 204 19.10 -2.07 10.54
CA VAL A 204 19.92 -0.88 10.27
C VAL A 204 21.13 -1.42 9.53
N GLN A 205 21.18 -1.16 8.23
CA GLN A 205 22.30 -1.64 7.42
C GLN A 205 23.58 -0.85 7.72
N PRO A 206 24.74 -1.39 7.31
CA PRO A 206 25.98 -0.66 7.56
C PRO A 206 26.04 0.72 6.91
N ASP A 207 25.26 0.93 5.85
CA ASP A 207 25.25 2.25 5.23
C ASP A 207 24.27 3.20 5.96
N LYS A 208 23.66 2.69 7.01
CA LYS A 208 22.74 3.46 7.85
C LYS A 208 21.32 3.63 7.34
N ASN A 209 21.03 3.05 6.18
CA ASN A 209 19.67 3.09 5.67
C ASN A 209 18.99 1.91 6.38
N ILE A 210 17.67 1.89 6.45
CA ILE A 210 16.94 0.85 7.14
C ILE A 210 16.06 -0.03 6.26
N LEU A 211 16.23 -1.34 6.39
CA LEU A 211 15.46 -2.29 5.62
C LEU A 211 14.35 -2.84 6.49
N ILE A 212 13.11 -2.74 6.03
CA ILE A 212 11.96 -3.28 6.77
C ILE A 212 11.59 -4.64 6.17
N SER A 213 11.25 -5.59 7.03
CA SER A 213 10.83 -6.94 6.60
C SER A 213 9.99 -7.60 7.71
N VAL A 214 9.58 -8.86 7.53
CA VAL A 214 8.78 -9.54 8.54
C VAL A 214 9.29 -10.90 8.93
N ASP A 215 8.62 -11.50 9.91
CA ASP A 215 8.86 -12.84 10.46
C ASP A 215 10.03 -12.94 11.43
N ASN A 232 -9.44 -15.40 4.61
CA ASN A 232 -10.70 -15.83 4.00
C ASN A 232 -10.41 -16.25 2.54
N LYS A 233 -10.46 -17.55 2.27
CA LYS A 233 -10.17 -18.09 0.95
C LYS A 233 -11.11 -17.71 -0.19
N LYS A 234 -12.40 -17.54 0.10
CA LYS A 234 -13.38 -17.21 -0.93
C LYS A 234 -13.25 -15.75 -1.37
N ILE A 235 -13.19 -14.84 -0.41
CA ILE A 235 -13.09 -13.41 -0.71
C ILE A 235 -11.82 -13.17 -1.50
N CYS A 236 -10.73 -13.77 -1.05
CA CYS A 236 -9.44 -13.61 -1.72
C CYS A 236 -9.48 -14.16 -3.16
N TYR A 237 -10.16 -15.29 -3.37
CA TYR A 237 -10.29 -15.86 -4.69
C TYR A 237 -11.13 -15.02 -5.66
N THR A 238 -12.21 -14.41 -5.20
CA THR A 238 -13.03 -13.60 -6.12
C THR A 238 -12.20 -12.38 -6.53
N GLY A 239 -11.22 -12.02 -5.69
CA GLY A 239 -10.31 -10.91 -5.97
C GLY A 239 -9.40 -11.27 -7.15
N PHE A 240 -8.85 -12.50 -7.15
CA PHE A 240 -7.99 -12.96 -8.24
C PHE A 240 -8.82 -13.07 -9.52
N ALA A 241 -10.04 -13.59 -9.42
CA ALA A 241 -10.91 -13.70 -10.58
C ALA A 241 -11.24 -12.32 -11.16
N LEU A 242 -11.45 -11.33 -10.31
CA LEU A 242 -11.75 -9.99 -10.83
C LEU A 242 -10.55 -9.46 -11.62
N GLU A 243 -9.35 -9.55 -11.06
CA GLU A 243 -8.13 -9.11 -11.76
C GLU A 243 -8.01 -9.89 -13.08
N ASP A 244 -8.23 -11.20 -12.99
CA ASP A 244 -8.14 -12.08 -14.14
C ASP A 244 -9.04 -11.60 -15.29
N LEU A 245 -10.30 -11.31 -14.96
CA LEU A 245 -11.29 -10.82 -15.91
C LEU A 245 -10.98 -9.42 -16.53
N LEU A 246 -10.37 -8.51 -15.78
CA LEU A 246 -10.09 -7.15 -16.28
C LEU A 246 -8.74 -6.95 -16.99
N ILE A 247 -7.81 -7.87 -16.74
CA ILE A 247 -6.46 -7.75 -17.30
C ILE A 247 -6.16 -8.71 -18.49
N GLU A 248 -5.59 -8.16 -19.56
CA GLU A 248 -5.21 -8.98 -20.71
C GLU A 248 -4.08 -9.92 -20.30
N HIS A 258 3.07 -18.16 -14.02
CA HIS A 258 2.55 -16.81 -14.10
C HIS A 258 3.62 -15.71 -14.12
N GLU A 259 3.22 -14.48 -13.74
CA GLU A 259 4.11 -13.33 -13.75
C GLU A 259 3.61 -12.18 -12.87
N LEU A 260 4.54 -11.45 -12.27
CA LEU A 260 4.20 -10.32 -11.39
C LEU A 260 4.93 -9.05 -11.85
N TYR A 261 4.32 -7.91 -11.58
CA TYR A 261 4.93 -6.64 -11.99
C TYR A 261 5.09 -5.68 -10.79
N TYR A 262 6.26 -5.06 -10.69
CA TYR A 262 6.56 -4.19 -9.57
C TYR A 262 7.10 -2.81 -9.98
N SER A 263 6.64 -1.81 -9.25
CA SER A 263 7.09 -0.45 -9.48
C SER A 263 7.91 -0.12 -8.24
N ILE A 264 9.11 0.38 -8.43
CA ILE A 264 9.94 0.75 -7.31
C ILE A 264 9.89 2.27 -7.26
N VAL A 265 9.33 2.83 -6.18
CA VAL A 265 9.21 4.28 -6.07
C VAL A 265 10.05 4.90 -4.94
N HIS A 266 10.41 6.16 -5.13
CA HIS A 266 11.21 6.89 -4.14
C HIS A 266 10.50 8.18 -3.79
N GLY A 267 10.51 8.52 -2.52
CA GLY A 267 9.83 9.71 -2.10
C GLY A 267 10.38 10.22 -0.81
N SER A 268 10.10 11.49 -0.54
CA SER A 268 10.61 12.14 0.65
C SER A 268 9.48 12.23 1.66
N LEU A 269 9.81 11.91 2.90
CA LEU A 269 8.83 11.97 3.97
C LEU A 269 9.18 13.11 4.90
N ASN A 270 10.49 13.32 5.06
CA ASN A 270 11.09 14.33 5.94
C ASN A 270 12.29 15.00 5.38
N ASP A 271 12.79 15.94 6.16
CA ASP A 271 14.01 16.62 5.82
C ASP A 271 15.12 15.64 6.23
N GLU A 272 14.74 14.57 6.94
CA GLU A 272 15.74 13.59 7.38
C GLU A 272 15.46 12.18 6.87
N ILE A 273 14.27 11.97 6.31
CA ILE A 273 13.83 10.66 5.90
C ILE A 273 13.27 10.49 4.47
N ASP A 274 13.74 9.48 3.72
CA ASP A 274 13.23 9.16 2.39
C ASP A 274 12.71 7.73 2.49
N LEU A 275 11.88 7.33 1.52
CA LEU A 275 11.37 5.99 1.45
C LEU A 275 11.63 5.40 0.06
N LEU A 276 12.10 4.15 -0.01
CA LEU A 276 12.33 3.49 -1.30
C LEU A 276 11.39 2.28 -1.12
N ILE A 277 10.31 2.29 -1.88
CA ILE A 277 9.25 1.31 -1.79
C ILE A 277 9.04 0.46 -3.02
N GLN A 278 8.69 -0.80 -2.78
CA GLN A 278 8.38 -1.75 -3.85
C GLN A 278 6.86 -2.05 -3.83
N ALA A 279 6.18 -1.84 -4.96
CA ALA A 279 4.74 -2.08 -5.01
C ALA A 279 4.37 -2.93 -6.20
N GLU A 280 3.48 -3.89 -5.99
CA GLU A 280 3.05 -4.70 -7.10
C GLU A 280 1.89 -3.94 -7.73
N MET A 281 1.96 -3.75 -9.06
CA MET A 281 0.92 -3.06 -9.81
C MET A 281 0.17 -4.10 -10.60
N ASP A 282 -1.17 -4.08 -10.50
CA ASP A 282 -2.00 -5.03 -11.20
C ASP A 282 -2.05 -4.78 -12.68
N SER A 283 -2.02 -3.51 -13.07
CA SER A 283 -2.12 -3.24 -14.49
C SER A 283 -1.91 -1.80 -14.83
N ILE A 284 -1.86 -1.53 -16.13
CA ILE A 284 -1.75 -0.17 -16.63
C ILE A 284 -2.96 0.07 -17.51
N ASN A 285 -3.52 1.27 -17.41
CA ASN A 285 -4.63 1.69 -18.26
C ASN A 285 -3.88 2.25 -19.48
N THR A 286 -3.87 1.50 -20.58
CA THR A 286 -3.15 1.94 -21.78
C THR A 286 -3.60 3.28 -22.41
N LEU A 287 -4.86 3.65 -22.25
CA LEU A 287 -5.34 4.92 -22.78
C LEU A 287 -4.79 6.11 -21.97
N THR A 288 -4.60 5.92 -20.68
CA THR A 288 -4.16 7.02 -19.85
C THR A 288 -2.75 6.87 -19.31
N ASP A 289 -2.10 5.75 -19.66
CA ASP A 289 -0.74 5.46 -19.19
C ASP A 289 -0.62 5.64 -17.67
N THR A 290 -1.60 5.10 -16.97
CA THR A 290 -1.69 5.23 -15.55
C THR A 290 -1.88 3.87 -14.88
N TYR A 291 -1.03 3.58 -13.90
CA TYR A 291 -1.20 2.34 -13.19
C TYR A 291 -2.63 2.32 -12.63
N THR A 292 -3.24 1.15 -12.63
CA THR A 292 -4.62 0.96 -12.16
C THR A 292 -4.66 -0.27 -11.22
N GLU A 293 -4.94 -0.01 -9.94
CA GLU A 293 -4.99 -1.04 -8.91
C GLU A 293 -6.46 -1.48 -8.78
N ILE A 294 -6.64 -2.78 -8.94
CA ILE A 294 -7.93 -3.44 -8.92
C ILE A 294 -8.32 -3.97 -7.54
N LYS A 295 -9.53 -3.60 -7.11
CA LYS A 295 -10.05 -4.03 -5.80
C LYS A 295 -11.43 -4.68 -5.99
N SER A 296 -11.62 -5.78 -5.28
CA SER A 296 -12.87 -6.52 -5.29
C SER A 296 -13.64 -6.10 -4.03
N SER A 297 -14.91 -5.73 -4.17
CA SER A 297 -15.66 -5.31 -2.98
C SER A 297 -17.16 -5.54 -3.06
N VAL A 298 -17.80 -5.46 -1.92
CA VAL A 298 -19.25 -5.55 -1.87
C VAL A 298 -19.57 -4.03 -1.72
N HIS A 299 -20.76 -3.56 -2.11
CA HIS A 299 -21.07 -2.12 -1.95
C HIS A 299 -20.72 -1.61 -0.54
N PHE A 300 -20.16 -0.41 -0.48
CA PHE A 300 -19.69 0.18 0.76
C PHE A 300 -20.71 0.64 1.75
N LYS A 301 -20.47 0.31 3.02
CA LYS A 301 -21.34 0.73 4.11
C LYS A 301 -20.48 1.64 4.98
N LEU A 302 -20.48 2.95 4.72
CA LEU A 302 -19.67 3.83 5.57
C LEU A 302 -20.35 3.55 6.92
N GLY A 303 -19.70 3.79 8.03
CA GLY A 303 -20.41 3.40 9.23
C GLY A 303 -19.92 2.01 9.64
N ASN A 304 -19.68 1.13 8.67
CA ASN A 304 -19.13 -0.19 8.99
C ASN A 304 -17.63 -0.06 9.15
N THR A 305 -17.12 -0.42 10.31
CA THR A 305 -15.70 -0.33 10.61
C THR A 305 -14.79 -1.03 9.60
N TYR A 306 -15.19 -2.22 9.18
CA TYR A 306 -14.40 -2.99 8.24
C TYR A 306 -14.21 -2.25 6.89
N HIS A 307 -15.26 -1.60 6.43
CA HIS A 307 -15.20 -0.90 5.18
C HIS A 307 -14.44 0.42 5.27
N ARG A 308 -14.55 1.10 6.40
CA ARG A 308 -13.84 2.35 6.59
C ARG A 308 -12.35 2.06 6.61
N ARG A 309 -11.97 0.93 7.22
CA ARG A 309 -10.57 0.51 7.27
C ARG A 309 -10.07 0.21 5.87
N LYS A 310 -10.88 -0.49 5.08
CA LYS A 310 -10.51 -0.83 3.72
C LYS A 310 -10.35 0.42 2.85
N LEU A 311 -11.30 1.35 2.94
CA LEU A 311 -11.23 2.59 2.17
C LEU A 311 -9.98 3.39 2.57
N LEU A 312 -9.71 3.50 3.87
CA LEU A 312 -8.52 4.24 4.31
C LEU A 312 -7.25 3.56 3.79
N ARG A 313 -7.21 2.24 3.87
CA ARG A 313 -6.05 1.49 3.45
C ARG A 313 -5.82 1.71 1.95
N MET A 314 -6.92 1.71 1.21
CA MET A 314 -6.95 1.88 -0.24
C MET A 314 -6.32 3.27 -0.55
N TRP A 315 -6.81 4.28 0.16
CA TRP A 315 -6.30 5.62 0.00
C TRP A 315 -4.79 5.63 0.29
N ILE A 316 -4.35 5.05 1.42
CA ILE A 316 -2.91 5.06 1.74
C ILE A 316 -2.16 4.34 0.65
N GLN A 317 -2.73 3.24 0.18
CA GLN A 317 -2.09 2.44 -0.86
C GLN A 317 -1.79 3.19 -2.15
N THR A 318 -2.76 3.92 -2.69
CA THR A 318 -2.48 4.63 -3.93
C THR A 318 -1.77 5.94 -3.65
N ASN A 319 -2.06 6.54 -2.50
CA ASN A 319 -1.40 7.80 -2.19
C ASN A 319 0.12 7.69 -2.03
N LEU A 320 0.63 6.50 -1.73
CA LEU A 320 2.09 6.31 -1.61
C LEU A 320 2.80 6.24 -2.98
N LEU A 321 2.03 6.24 -4.05
CA LEU A 321 2.62 6.19 -5.40
C LEU A 321 2.55 7.54 -6.10
N PRO A 322 3.38 7.72 -7.12
CA PRO A 322 3.43 8.96 -7.91
C PRO A 322 2.10 9.18 -8.69
N LYS A 323 1.70 8.18 -9.47
CA LYS A 323 0.48 8.27 -10.31
C LYS A 323 -0.21 6.93 -10.18
N SER A 324 -1.50 6.89 -9.94
CA SER A 324 -2.16 5.60 -9.81
C SER A 324 -3.64 5.76 -9.61
N ASP A 325 -4.44 5.01 -10.35
CA ASP A 325 -5.87 5.09 -10.16
C ASP A 325 -6.38 3.79 -9.60
N LEU A 326 -7.60 3.82 -9.09
CA LEU A 326 -8.23 2.63 -8.54
C LEU A 326 -9.38 2.26 -9.43
N LEU A 327 -9.63 0.97 -9.53
CA LEU A 327 -10.76 0.45 -10.29
C LEU A 327 -11.39 -0.59 -9.35
N ILE A 328 -12.64 -0.35 -8.99
CA ILE A 328 -13.31 -1.25 -8.08
C ILE A 328 -14.43 -2.04 -8.74
N GLY A 329 -14.43 -3.34 -8.46
CA GLY A 329 -15.46 -4.20 -9.00
C GLY A 329 -16.37 -4.59 -7.83
N PHE A 330 -17.59 -4.10 -7.85
CA PHE A 330 -18.54 -4.41 -6.77
C PHE A 330 -19.33 -5.62 -7.18
N ARG A 331 -19.42 -6.58 -6.29
CA ARG A 331 -20.18 -7.78 -6.61
C ARG A 331 -21.42 -7.84 -5.76
N ASN A 332 -22.45 -8.49 -6.29
CA ASN A 332 -23.72 -8.70 -5.59
C ASN A 332 -23.35 -9.61 -4.40
N SER A 333 -23.84 -9.30 -3.20
CA SER A 333 -23.50 -10.12 -2.03
C SER A 333 -23.98 -11.55 -2.18
N TYR A 334 -25.21 -11.72 -2.64
CA TYR A 334 -25.79 -13.04 -2.77
C TYR A 334 -25.30 -13.90 -3.92
N SER A 335 -25.35 -13.33 -5.12
CA SER A 335 -24.98 -14.02 -6.34
C SER A 335 -23.51 -14.09 -6.69
N ASN A 336 -22.70 -13.21 -6.10
CA ASN A 336 -21.28 -13.12 -6.41
C ASN A 336 -21.03 -12.62 -7.84
N GLU A 337 -22.05 -12.01 -8.44
CA GLU A 337 -21.84 -11.50 -9.78
C GLU A 337 -21.28 -10.08 -9.78
N LEU A 338 -20.37 -9.78 -10.70
CA LEU A 338 -19.82 -8.44 -10.83
C LEU A 338 -20.96 -7.50 -11.24
N GLU A 339 -21.36 -6.58 -10.37
CA GLU A 339 -22.48 -5.66 -10.64
C GLU A 339 -22.10 -4.30 -11.19
N GLN A 340 -20.93 -3.83 -10.84
CA GLN A 340 -20.53 -2.52 -11.28
C GLN A 340 -19.02 -2.36 -11.19
N LEU A 341 -18.48 -1.67 -12.19
CA LEU A 341 -17.07 -1.35 -12.23
C LEU A 341 -17.04 0.16 -12.07
N LYS A 342 -16.19 0.66 -11.19
CA LYS A 342 -16.11 2.09 -11.00
C LYS A 342 -14.70 2.55 -10.76
N ALA A 343 -14.26 3.51 -11.56
CA ALA A 343 -12.91 4.06 -11.44
C ALA A 343 -12.84 5.15 -10.34
N TYR A 344 -11.69 5.26 -9.67
CA TYR A 344 -11.54 6.29 -8.65
C TYR A 344 -10.16 6.84 -8.74
N LYS A 345 -10.04 8.16 -8.69
CA LYS A 345 -8.73 8.77 -8.66
C LYS A 345 -8.47 8.93 -7.16
N ILE A 346 -7.25 9.32 -6.80
CA ILE A 346 -6.90 9.46 -5.38
C ILE A 346 -7.82 10.48 -4.69
N GLN A 347 -8.08 11.61 -5.35
CA GLN A 347 -8.96 12.63 -4.80
C GLN A 347 -10.36 12.05 -4.54
N ASP A 348 -10.81 11.14 -5.41
CA ASP A 348 -12.12 10.51 -5.25
C ASP A 348 -12.15 9.61 -4.00
N ILE A 349 -11.17 8.71 -3.84
CA ILE A 349 -11.20 7.87 -2.62
C ILE A 349 -11.11 8.80 -1.43
N TYR A 350 -10.29 9.84 -1.52
CA TYR A 350 -10.12 10.81 -0.44
C TYR A 350 -11.43 11.46 -0.01
N HIS A 351 -12.14 11.99 -0.99
CA HIS A 351 -13.40 12.67 -0.74
C HIS A 351 -14.41 11.69 -0.11
N LYS A 352 -14.44 10.43 -0.56
CA LYS A 352 -15.37 9.47 0.02
C LYS A 352 -15.09 9.29 1.54
N ILE A 353 -13.82 9.35 1.96
CA ILE A 353 -13.51 9.18 3.38
C ILE A 353 -13.28 10.46 4.19
N ASN A 354 -13.32 11.63 3.56
CA ASN A 354 -13.13 12.91 4.28
C ASN A 354 -14.06 14.00 3.78
N ASN A 355 -15.14 14.25 4.52
CA ASN A 355 -16.12 15.29 4.19
C ASN A 355 -16.58 15.81 5.53
N SER A 356 -17.26 16.96 5.47
CA SER A 356 -17.82 17.58 6.66
C SER A 356 -19.04 16.78 7.12
N SER A 357 -19.45 15.84 6.28
CA SER A 357 -20.59 14.98 6.56
C SER A 357 -20.24 13.60 7.15
N ILE A 358 -19.20 12.96 6.63
CA ILE A 358 -18.84 11.64 7.16
C ILE A 358 -18.16 11.84 8.50
N VAL A 359 -17.59 13.02 8.70
CA VAL A 359 -16.87 13.31 9.93
C VAL A 359 -17.86 13.56 11.09
N GLY A 360 -19.12 13.72 10.74
CA GLY A 360 -20.14 13.94 11.74
C GLY A 360 -20.51 12.71 12.55
N LYS A 361 -20.20 11.51 12.06
CA LYS A 361 -20.56 10.34 12.86
C LYS A 361 -19.49 10.00 13.91
N PRO A 362 -19.94 9.51 15.07
CA PRO A 362 -19.09 9.12 16.20
C PRO A 362 -18.15 7.98 15.82
N GLY A 363 -17.07 7.79 16.57
CA GLY A 363 -16.15 6.72 16.24
C GLY A 363 -14.91 6.70 17.09
N LYS A 364 -14.33 5.52 17.25
CA LYS A 364 -13.13 5.33 18.07
C LYS A 364 -11.77 5.60 17.38
N PHE A 365 -11.39 4.77 16.40
CA PHE A 365 -10.11 4.87 15.67
C PHE A 365 -9.81 6.16 14.91
N TYR A 366 -9.76 7.27 15.63
CA TYR A 366 -9.50 8.56 15.06
C TYR A 366 -10.43 8.81 13.89
N LYS A 367 -11.61 8.20 13.94
CA LYS A 367 -12.60 8.32 12.85
C LYS A 367 -12.00 8.06 11.46
N PHE A 368 -10.97 7.21 11.40
CA PHE A 368 -10.32 6.84 10.13
C PHE A 368 -10.06 8.08 9.24
N ASN A 369 -9.56 9.14 9.84
CA ASN A 369 -9.30 10.35 9.09
C ASN A 369 -7.94 10.24 8.37
N PRO A 370 -7.93 10.35 7.03
CA PRO A 370 -6.67 10.26 6.28
C PRO A 370 -5.65 11.31 6.76
N ASN A 371 -6.14 12.42 7.33
CA ASN A 371 -5.23 13.47 7.78
C ASN A 371 -4.52 13.07 9.05
N VAL A 372 -5.23 12.38 9.93
CA VAL A 372 -4.63 11.88 11.15
C VAL A 372 -3.64 10.77 10.74
N ALA A 373 -4.02 9.91 9.78
CA ALA A 373 -3.09 8.85 9.33
C ALA A 373 -1.78 9.53 8.85
N ASN A 374 -1.93 10.63 8.10
CA ASN A 374 -0.78 11.37 7.63
C ASN A 374 0.06 11.91 8.81
N ASP A 375 -0.59 12.43 9.85
CA ASP A 375 0.17 12.95 11.00
C ASP A 375 0.90 11.82 11.70
N TRP A 376 0.20 10.69 11.89
CA TRP A 376 0.77 9.50 12.52
C TRP A 376 2.01 9.03 11.73
N PHE A 377 1.85 9.02 10.40
CA PHE A 377 2.90 8.65 9.47
C PHE A 377 4.18 9.45 9.74
N GLN A 378 4.04 10.77 9.77
CA GLN A 378 5.14 11.70 10.02
C GLN A 378 5.77 11.42 11.36
N HIS A 379 4.92 11.09 12.35
CA HIS A 379 5.39 10.82 13.71
C HIS A 379 6.22 9.56 13.94
N ILE A 380 5.64 8.36 13.78
CA ILE A 380 6.41 7.13 14.05
C ILE A 380 7.59 6.96 13.18
N PHE A 381 7.55 7.46 11.94
CA PHE A 381 8.75 7.27 11.16
C PHE A 381 9.93 8.03 11.72
N GLN A 382 9.68 9.22 12.29
CA GLN A 382 10.74 10.01 12.89
C GLN A 382 11.15 9.31 14.18
N VAL A 383 10.16 8.84 14.93
CA VAL A 383 10.48 8.13 16.17
C VAL A 383 11.31 6.85 15.83
N LEU A 384 10.85 6.07 14.86
CA LEU A 384 11.57 4.85 14.46
C LEU A 384 13.00 5.11 13.96
N LYS A 385 13.18 6.16 13.18
CA LYS A 385 14.50 6.47 12.65
C LYS A 385 15.49 6.85 13.74
N GLN A 386 15.11 7.82 14.57
CA GLN A 386 15.96 8.28 15.67
C GLN A 386 16.33 7.14 16.62
N ASN A 387 15.34 6.33 16.99
CA ASN A 387 15.57 5.25 17.90
C ASN A 387 16.30 4.02 17.32
N LEU A 388 16.02 3.65 16.07
CA LEU A 388 16.75 2.50 15.56
C LEU A 388 18.21 2.90 15.38
N LEU A 389 18.47 4.16 15.02
CA LEU A 389 19.85 4.58 14.84
C LEU A 389 20.56 4.66 16.19
N LEU A 390 19.88 5.23 17.18
CA LEU A 390 20.46 5.34 18.50
C LEU A 390 20.81 3.94 19.05
N LEU A 391 19.85 3.01 19.01
CA LEU A 391 20.10 1.66 19.52
C LEU A 391 21.17 0.89 18.77
N SER A 392 21.30 1.11 17.48
CA SER A 392 22.27 0.36 16.67
C SER A 392 23.74 0.73 16.89
N GLN A 393 24.01 1.93 17.38
CA GLN A 393 25.40 2.34 17.63
C GLN A 393 25.84 1.56 18.87
N GLU A 394 24.99 1.64 19.88
CA GLU A 394 25.16 1.01 21.18
C GLU A 394 24.75 -0.48 21.17
N SER A 395 25.13 -1.21 20.12
CA SER A 395 24.77 -2.62 20.01
C SER A 395 25.54 -3.35 18.91
N THR A 396 25.49 -4.68 18.95
CA THR A 396 26.16 -5.55 17.98
C THR A 396 25.08 -6.07 17.02
N SER A 397 23.84 -5.70 17.31
CA SER A 397 22.73 -6.14 16.49
C SER A 397 22.34 -5.09 15.48
N THR A 398 22.23 -5.52 14.22
CA THR A 398 21.81 -4.64 13.16
C THR A 398 20.31 -4.87 12.93
N THR A 399 19.78 -5.98 13.44
CA THR A 399 18.37 -6.28 13.25
C THR A 399 17.55 -6.19 14.56
N PHE A 400 16.39 -5.53 14.47
CA PHE A 400 15.51 -5.29 15.61
C PHE A 400 14.05 -5.72 15.40
N LYS A 401 13.42 -6.22 16.45
CA LYS A 401 12.01 -6.59 16.36
C LYS A 401 11.26 -5.31 16.69
N VAL A 402 10.39 -4.86 15.80
CA VAL A 402 9.66 -3.64 16.04
C VAL A 402 8.20 -3.96 16.26
N GLN A 403 7.68 -3.48 17.39
CA GLN A 403 6.28 -3.75 17.71
C GLN A 403 5.52 -2.55 18.18
N ILE A 404 4.25 -2.56 17.82
CA ILE A 404 3.37 -1.48 18.19
C ILE A 404 2.04 -2.01 18.71
N ASP A 405 1.78 -1.77 20.00
CA ASP A 405 0.54 -2.16 20.72
C ASP A 405 -0.67 -1.61 20.00
N THR A 406 -1.83 -2.06 20.45
CA THR A 406 -3.04 -1.50 19.94
C THR A 406 -3.17 -0.15 20.65
N ASN A 407 -2.33 0.10 21.65
CA ASN A 407 -2.31 1.38 22.39
C ASN A 407 -1.27 2.31 21.83
N LEU A 408 -0.70 1.94 20.68
CA LEU A 408 0.35 2.71 20.05
C LEU A 408 1.62 2.76 20.88
N THR A 409 1.86 1.75 21.70
CA THR A 409 3.12 1.72 22.44
C THR A 409 4.15 0.99 21.56
N LEU A 410 5.24 1.68 21.26
CA LEU A 410 6.30 1.15 20.42
C LEU A 410 7.33 0.36 21.23
N SER A 411 7.67 -0.85 20.78
CA SER A 411 8.67 -1.71 21.42
C SER A 411 9.78 -2.14 20.47
N ILE A 412 11.04 -1.86 20.84
CA ILE A 412 12.19 -2.23 20.02
C ILE A 412 13.21 -3.02 20.84
N SER A 413 13.52 -4.23 20.41
CA SER A 413 14.50 -5.06 21.11
C SER A 413 15.33 -5.73 20.03
N PRO A 414 16.61 -5.96 20.32
CA PRO A 414 17.50 -6.59 19.34
C PRO A 414 17.15 -8.04 19.02
N ALA A 415 17.29 -8.42 17.76
CA ALA A 415 17.04 -9.78 17.32
C ALA A 415 18.42 -10.41 17.14
N SER A 416 18.51 -11.73 17.25
CA SER A 416 19.81 -12.40 17.14
C SER A 416 20.65 -12.04 15.91
N GLN A 417 21.96 -11.90 16.10
CA GLN A 417 22.86 -11.59 15.00
C GLN A 417 23.22 -12.90 14.25
N PHE A 418 22.63 -14.02 14.67
CA PHE A 418 22.89 -15.31 14.03
C PHE A 418 21.67 -15.79 13.26
N VAL A 419 20.65 -14.95 13.23
CA VAL A 419 19.42 -15.31 12.55
C VAL A 419 19.07 -14.37 11.40
N THR A 420 18.82 -14.93 10.21
CA THR A 420 18.42 -14.10 9.09
C THR A 420 17.02 -14.50 8.64
N ALA A 421 16.15 -13.50 8.53
CA ALA A 421 14.78 -13.71 8.08
C ALA A 421 14.75 -13.36 6.60
N LEU A 422 14.41 -14.35 5.78
CA LEU A 422 14.35 -14.19 4.31
C LEU A 422 12.92 -13.92 3.81
C1 CIT B . -2.39 -3.43 0.48
O1 CIT B . -1.61 -3.19 1.39
O2 CIT B . -3.68 -3.74 0.78
C2 CIT B . -1.92 -3.37 -0.97
C3 CIT B . -0.70 -4.30 -1.17
O7 CIT B . 0.31 -3.92 -0.23
C4 CIT B . -0.15 -4.15 -2.61
C5 CIT B . 1.33 -4.52 -2.72
O3 CIT B . 2.15 -3.64 -2.81
O4 CIT B . 1.72 -5.82 -2.72
C6 CIT B . -1.11 -5.75 -0.95
O5 CIT B . -0.36 -6.54 -0.43
O6 CIT B . -2.35 -6.16 -1.37
#